data_6VSZ
#
_entry.id   6VSZ
#
_cell.length_a   49.700
_cell.length_b   80.320
_cell.length_c   136.990
_cell.angle_alpha   90.00
_cell.angle_beta   90.00
_cell.angle_gamma   90.00
#
_symmetry.space_group_name_H-M   'P 21 21 21'
#
loop_
_entity.id
_entity.type
_entity.pdbx_description
1 polymer 'Immunoglobulin gamma-1 heavy chain'
2 branched beta-D-galactopyranose-(1-4)-2-acetamido-2-deoxy-beta-D-glucopyranose-(1-2)-alpha-D-mannopyranose-(1-6)-[2-acetamido-2-deoxy-beta-D-glucopyranose-(1-2)-alpha-D-mannopyranose-(1-3)]beta-D-mannopyranose-(1-4)-2-acetamido-2-deoxy-beta-D-glucopyranose-(1-4)-2-acetamido-2-deoxy-beta-D-glucopyranose
3 water water
#
_entity_poly.entity_id   1
_entity_poly.type   'polypeptide(L)'
_entity_poly.pdbx_seq_one_letter_code
;LLGGPSVFLFPPKPKDTLMISRTPEVTCVVVDVSHEDPEVKFNWYVDGVEVHNAKTKPREEQYNSTYRVVSVLTVLHQDW
LNGKEYKCKVSNKALPAPIEKTISKAKGQPREPQVYTLPPSRDELTKNQVSLTCLVKGFYPSDIAVEWESNGQPENNYKT
TPPVLDSDGSFFLYSKLTVDKSRWQQGNVFSCSVMHEALHNHYTQKSLSLS
;
_entity_poly.pdbx_strand_id   A,B
#
loop_
_chem_comp.id
_chem_comp.type
_chem_comp.name
_chem_comp.formula
BMA D-saccharide, beta linking beta-D-mannopyranose 'C6 H12 O6'
GAL D-saccharide, beta linking beta-D-galactopyranose 'C6 H12 O6'
MAN D-saccharide, alpha linking alpha-D-mannopyranose 'C6 H12 O6'
NAG D-saccharide, beta linking 2-acetamido-2-deoxy-beta-D-glucopyranose 'C8 H15 N O6'
#
# COMPACT_ATOMS: atom_id res chain seq x y z
N GLY A 3 -16.02 -1.64 23.48
CA GLY A 3 -14.61 -1.89 23.19
C GLY A 3 -14.02 -2.94 24.11
N GLY A 4 -12.95 -2.56 24.81
CA GLY A 4 -12.26 -3.46 25.69
C GLY A 4 -10.79 -3.42 25.38
N PRO A 5 -9.96 -4.15 26.14
CA PRO A 5 -8.54 -4.14 25.79
C PRO A 5 -8.29 -4.92 24.50
N SER A 6 -7.55 -4.29 23.58
CA SER A 6 -7.23 -4.83 22.26
C SER A 6 -5.71 -4.91 22.16
N VAL A 7 -5.23 -5.88 21.37
CA VAL A 7 -3.81 -6.18 21.28
C VAL A 7 -3.33 -5.95 19.87
N PHE A 8 -2.09 -5.50 19.74
CA PHE A 8 -1.48 -5.31 18.44
C PHE A 8 -0.05 -5.78 18.49
N LEU A 9 0.33 -6.63 17.53
CA LEU A 9 1.63 -7.27 17.45
C LEU A 9 2.34 -6.78 16.20
N PHE A 10 3.41 -6.07 16.35
CA PHE A 10 4.18 -5.55 15.24
C PHE A 10 5.52 -6.26 15.15
N PRO A 11 6.02 -6.57 13.96
CA PRO A 11 7.26 -7.32 13.85
C PRO A 11 8.44 -6.36 13.78
N PRO A 12 9.65 -6.88 13.70
CA PRO A 12 10.83 -6.02 13.61
C PRO A 12 10.94 -5.33 12.25
N LYS A 13 11.84 -4.37 12.17
CA LYS A 13 12.07 -3.59 10.95
C LYS A 13 13.03 -4.40 10.10
N PRO A 14 12.77 -4.57 8.82
CA PRO A 14 13.58 -5.48 8.00
C PRO A 14 15.07 -5.25 8.12
N LYS A 15 15.43 -3.99 8.29
CA LYS A 15 16.83 -3.68 8.45
C LYS A 15 17.37 -4.33 9.72
N ASP A 16 16.52 -4.47 10.76
CA ASP A 16 17.01 -4.85 12.10
C ASP A 16 17.44 -6.31 12.14
N THR A 17 16.80 -7.17 11.35
CA THR A 17 17.06 -8.62 11.35
C THR A 17 18.16 -9.04 10.40
N LEU A 18 18.56 -8.17 9.48
CA LEU A 18 19.52 -8.50 8.44
C LEU A 18 20.94 -8.07 8.77
N MET A 19 21.15 -7.33 9.86
CA MET A 19 22.47 -6.87 10.26
C MET A 19 22.64 -7.23 11.71
N ILE A 20 23.70 -8.00 12.02
CA ILE A 20 23.85 -8.47 13.38
C ILE A 20 24.09 -7.29 14.27
N SER A 21 24.49 -6.17 13.66
CA SER A 21 24.67 -4.89 14.31
C SER A 21 23.45 -4.50 15.15
N ARG A 22 22.28 -4.53 14.52
N ARG A 22 22.26 -4.48 14.55
CA ARG A 22 21.02 -4.06 15.16
CA ARG A 22 21.09 -4.02 15.27
C ARG A 22 20.37 -5.18 15.99
C ARG A 22 20.49 -5.12 16.12
N THR A 23 19.41 -4.77 16.81
CA THR A 23 18.71 -5.68 17.70
C THR A 23 17.25 -5.65 17.29
N PRO A 24 16.81 -6.64 16.50
CA PRO A 24 15.40 -6.75 16.10
C PRO A 24 14.49 -7.03 17.28
N GLU A 25 13.33 -6.43 17.29
CA GLU A 25 12.43 -6.69 18.38
C GLU A 25 11.00 -6.81 17.85
N VAL A 26 10.22 -7.61 18.56
CA VAL A 26 8.79 -7.82 18.31
C VAL A 26 8.04 -7.06 19.40
N THR A 27 7.00 -6.30 19.00
CA THR A 27 6.37 -5.33 19.90
C THR A 27 4.89 -5.62 20.10
N CYS A 28 4.56 -6.06 21.29
CA CYS A 28 3.19 -6.33 21.67
C CYS A 28 2.67 -5.13 22.45
N VAL A 29 1.58 -4.54 21.97
CA VAL A 29 1.03 -3.36 22.63
C VAL A 29 -0.40 -3.68 23.03
N VAL A 30 -0.74 -3.45 24.30
CA VAL A 30 -2.09 -3.66 24.79
C VAL A 30 -2.78 -2.30 24.85
N VAL A 31 -4.00 -2.24 24.33
CA VAL A 31 -4.69 -0.97 24.14
C VAL A 31 -6.02 -1.04 24.86
N ASP A 32 -6.51 0.11 25.32
CA ASP A 32 -7.81 0.27 25.98
C ASP A 32 -7.92 -0.54 27.26
N VAL A 33 -6.81 -0.81 27.95
CA VAL A 33 -6.92 -1.49 29.24
C VAL A 33 -7.65 -0.58 30.21
N SER A 34 -8.62 -1.13 30.91
CA SER A 34 -9.47 -0.19 31.59
C SER A 34 -8.81 0.33 32.83
N HIS A 35 -9.46 1.32 33.36
CA HIS A 35 -9.08 2.11 34.51
C HIS A 35 -9.29 1.42 35.83
N GLU A 36 -10.44 0.72 35.88
CA GLU A 36 -10.88 -0.07 37.06
C GLU A 36 -9.86 -1.19 37.24
N ASP A 37 -9.88 -2.21 36.37
CA ASP A 37 -8.84 -3.21 36.53
C ASP A 37 -7.81 -3.17 35.39
N PRO A 38 -6.59 -2.68 35.66
CA PRO A 38 -5.59 -2.50 34.61
C PRO A 38 -4.40 -3.41 34.79
N GLU A 39 -4.63 -4.50 35.52
CA GLU A 39 -3.59 -5.53 35.69
C GLU A 39 -3.60 -6.40 34.44
N VAL A 40 -2.49 -6.39 33.71
CA VAL A 40 -2.36 -7.11 32.46
C VAL A 40 -1.13 -7.99 32.51
N LYS A 41 -1.34 -9.28 32.30
CA LYS A 41 -0.24 -10.21 32.27
C LYS A 41 0.18 -10.48 30.84
N PHE A 42 1.49 -10.50 30.62
CA PHE A 42 2.08 -10.79 29.33
C PHE A 42 2.76 -12.14 29.40
N ASN A 43 2.48 -12.98 28.44
CA ASN A 43 3.20 -14.23 28.30
C ASN A 43 3.70 -14.37 26.86
N TRP A 44 4.94 -14.83 26.73
CA TRP A 44 5.63 -14.86 25.45
C TRP A 44 6.06 -16.27 25.12
N TYR A 45 5.80 -16.68 23.89
CA TYR A 45 6.21 -18.00 23.43
C TYR A 45 6.93 -17.85 22.11
N VAL A 46 8.00 -18.60 21.94
CA VAL A 46 8.65 -18.72 20.63
C VAL A 46 8.49 -20.17 20.23
N ASP A 47 7.75 -20.39 19.14
CA ASP A 47 7.49 -21.72 18.62
C ASP A 47 6.76 -22.58 19.65
N GLY A 48 5.90 -21.94 20.45
CA GLY A 48 5.14 -22.62 21.48
C GLY A 48 5.83 -22.75 22.81
N VAL A 49 7.14 -22.52 22.85
CA VAL A 49 7.93 -22.66 24.07
C VAL A 49 7.92 -21.30 24.75
N GLU A 50 7.50 -21.27 26.01
CA GLU A 50 7.41 -19.98 26.67
C GLU A 50 8.81 -19.41 26.89
N VAL A 51 8.95 -18.09 26.77
CA VAL A 51 10.21 -17.35 26.96
C VAL A 51 9.98 -16.22 27.93
N HIS A 52 11.06 -15.80 28.64
CA HIS A 52 10.95 -14.78 29.69
C HIS A 52 12.05 -13.72 29.65
N ASN A 53 12.59 -13.38 28.49
CA ASN A 53 13.50 -12.24 28.46
C ASN A 53 12.83 -10.99 27.94
N ALA A 54 11.50 -10.94 27.97
CA ALA A 54 10.76 -9.80 27.44
C ALA A 54 10.76 -8.67 28.45
N LYS A 55 11.03 -7.44 28.00
CA LYS A 55 11.02 -6.31 28.92
C LYS A 55 9.71 -5.54 28.75
N THR A 56 8.73 -5.97 29.55
CA THR A 56 7.45 -5.29 29.73
C THR A 56 7.66 -3.89 30.28
N LYS A 57 6.87 -2.94 29.80
CA LYS A 57 7.18 -1.60 30.34
C LYS A 57 5.97 -0.89 30.95
N PRO A 58 6.19 -0.22 32.07
CA PRO A 58 5.17 0.61 32.76
C PRO A 58 4.03 1.21 31.94
N ARG A 59 2.80 0.80 32.27
CA ARG A 59 1.59 1.30 31.59
C ARG A 59 1.60 2.82 31.54
N GLU A 60 1.26 3.34 30.39
CA GLU A 60 1.16 4.77 30.21
C GLU A 60 -0.30 5.14 30.07
N GLU A 61 -0.77 6.02 30.94
CA GLU A 61 -2.14 6.49 30.86
C GLU A 61 -2.29 7.53 29.75
N GLN A 62 -3.43 7.47 29.04
CA GLN A 62 -3.67 8.25 27.83
C GLN A 62 -4.71 9.33 28.07
N TYR A 63 -4.83 10.20 27.05
CA TYR A 63 -5.80 11.31 27.07
C TYR A 63 -7.18 10.83 27.53
N ASN A 64 -7.62 9.61 27.06
CA ASN A 64 -8.96 9.03 27.29
C ASN A 64 -9.12 8.26 28.61
N SER A 65 -8.27 8.52 29.59
CA SER A 65 -8.37 7.82 30.85
C SER A 65 -8.44 6.30 30.59
N THR A 66 -7.58 5.84 29.65
CA THR A 66 -7.37 4.45 29.26
C THR A 66 -5.89 4.13 29.34
N TYR A 67 -5.56 2.90 29.69
CA TYR A 67 -4.14 2.60 29.75
C TYR A 67 -3.67 1.93 28.46
N ARG A 68 -2.38 1.68 28.42
CA ARG A 68 -1.72 1.17 27.25
C ARG A 68 -0.34 0.69 27.70
N VAL A 69 -0.12 -0.62 27.62
CA VAL A 69 1.15 -1.20 28.07
C VAL A 69 1.84 -1.78 26.84
N VAL A 70 3.16 -1.88 26.91
CA VAL A 70 3.95 -2.40 25.80
C VAL A 70 5.01 -3.36 26.35
N SER A 71 5.11 -4.55 25.74
CA SER A 71 6.24 -5.43 25.99
C SER A 71 7.01 -5.64 24.72
N VAL A 72 8.32 -5.74 24.89
CA VAL A 72 9.25 -5.83 23.79
C VAL A 72 10.05 -7.10 23.99
N LEU A 73 9.91 -8.01 23.05
CA LEU A 73 10.72 -9.21 23.03
C LEU A 73 11.77 -9.00 21.95
N THR A 74 13.03 -9.01 22.35
CA THR A 74 14.12 -9.00 21.39
C THR A 74 14.31 -10.42 20.85
N VAL A 75 14.38 -10.54 19.54
CA VAL A 75 14.48 -11.81 18.88
C VAL A 75 15.91 -11.97 18.37
N LEU A 76 16.29 -13.22 18.11
CA LEU A 76 17.54 -13.53 17.46
C LEU A 76 17.36 -13.42 15.96
N HIS A 77 18.31 -12.75 15.31
CA HIS A 77 18.28 -12.52 13.87
C HIS A 77 17.97 -13.79 13.10
N GLN A 78 18.73 -14.86 13.36
CA GLN A 78 18.47 -16.06 12.63
C GLN A 78 17.15 -16.67 13.10
N ASP A 79 16.74 -16.43 14.35
CA ASP A 79 15.47 -16.99 14.80
C ASP A 79 14.34 -16.43 13.99
N TRP A 80 14.42 -15.16 13.66
CA TRP A 80 13.36 -14.61 12.83
C TRP A 80 13.43 -15.15 11.40
N LEU A 81 14.63 -15.21 10.79
CA LEU A 81 14.80 -15.64 9.41
C LEU A 81 14.61 -17.17 9.23
N ASN A 82 14.75 -17.94 10.30
CA ASN A 82 14.41 -19.36 10.31
C ASN A 82 12.92 -19.62 10.58
N GLY A 83 12.11 -18.56 10.60
CA GLY A 83 10.67 -18.70 10.65
C GLY A 83 10.07 -18.98 12.00
N LYS A 84 10.69 -18.55 13.09
CA LYS A 84 10.05 -18.86 14.37
C LYS A 84 8.79 -18.00 14.52
N GLU A 85 7.90 -18.45 15.39
CA GLU A 85 6.60 -17.81 15.57
C GLU A 85 6.52 -17.24 16.97
N TYR A 86 6.25 -15.95 17.07
CA TYR A 86 6.20 -15.24 18.33
C TYR A 86 4.76 -15.00 18.71
N LYS A 87 4.40 -15.41 19.91
CA LYS A 87 3.04 -15.36 20.40
C LYS A 87 3.01 -14.54 21.68
N CYS A 88 2.29 -13.42 21.62
CA CYS A 88 2.05 -12.56 22.77
C CYS A 88 0.70 -12.92 23.37
N LYS A 89 0.70 -13.42 24.60
CA LYS A 89 -0.53 -13.70 25.34
C LYS A 89 -0.76 -12.61 26.37
N VAL A 90 -1.99 -12.10 26.41
CA VAL A 90 -2.34 -11.01 27.31
C VAL A 90 -3.57 -11.41 28.08
N SER A 91 -3.46 -11.42 29.41
CA SER A 91 -4.56 -11.80 30.29
C SER A 91 -5.00 -10.57 31.05
N ASN A 92 -6.31 -10.41 31.24
CA ASN A 92 -6.82 -9.22 31.92
C ASN A 92 -8.13 -9.54 32.60
N LYS A 93 -8.42 -8.80 33.68
CA LYS A 93 -9.61 -9.03 34.49
C LYS A 93 -10.90 -8.62 33.79
N ALA A 94 -10.79 -7.75 32.78
CA ALA A 94 -11.95 -7.21 32.10
C ALA A 94 -12.27 -7.94 30.79
N LEU A 95 -11.73 -9.15 30.61
CA LEU A 95 -11.91 -9.89 29.33
C LEU A 95 -12.33 -11.34 29.57
N PRO A 96 -13.17 -11.95 28.69
CA PRO A 96 -13.64 -13.33 28.91
C PRO A 96 -12.53 -14.37 28.90
N ALA A 97 -11.44 -14.12 28.19
CA ALA A 97 -10.34 -15.07 28.10
C ALA A 97 -9.09 -14.31 27.67
N PRO A 98 -7.90 -14.83 27.97
CA PRO A 98 -6.67 -14.18 27.52
C PRO A 98 -6.72 -14.03 26.01
N ILE A 99 -6.03 -13.02 25.49
CA ILE A 99 -6.05 -12.75 24.06
C ILE A 99 -4.67 -13.06 23.50
N GLU A 100 -4.65 -13.86 22.44
CA GLU A 100 -3.42 -14.31 21.81
C GLU A 100 -3.22 -13.62 20.48
N LYS A 101 -1.96 -13.45 20.09
CA LYS A 101 -1.56 -12.95 18.79
C LYS A 101 -0.22 -13.59 18.46
N THR A 102 -0.07 -14.03 17.21
CA THR A 102 1.16 -14.64 16.73
C THR A 102 1.62 -13.90 15.49
N ILE A 103 2.94 -13.81 15.32
CA ILE A 103 3.52 -13.12 14.18
C ILE A 103 4.82 -13.80 13.80
N SER A 104 5.13 -13.76 12.49
CA SER A 104 6.20 -14.55 11.91
C SER A 104 6.70 -13.84 10.65
N LYS A 105 7.78 -14.37 10.07
CA LYS A 105 8.07 -13.97 8.71
C LYS A 105 7.16 -14.78 7.80
N ALA A 106 6.86 -14.20 6.65
CA ALA A 106 5.94 -14.83 5.71
C ALA A 106 6.50 -16.18 5.35
N LYS A 107 5.61 -17.16 5.25
CA LYS A 107 5.98 -18.54 4.92
C LYS A 107 6.28 -18.66 3.44
N GLY A 108 7.26 -19.44 3.09
CA GLY A 108 7.59 -19.60 1.69
C GLY A 108 9.09 -19.64 1.53
N GLN A 109 9.53 -19.80 0.30
CA GLN A 109 10.94 -19.90 0.02
C GLN A 109 11.47 -18.53 -0.40
N PRO A 110 12.46 -18.01 0.31
CA PRO A 110 13.05 -16.70 -0.02
C PRO A 110 13.54 -16.66 -1.44
N ARG A 111 13.09 -15.69 -2.22
CA ARG A 111 13.66 -15.54 -3.54
C ARG A 111 14.48 -14.25 -3.58
N GLU A 112 15.49 -14.28 -4.38
CA GLU A 112 16.48 -13.20 -4.34
C GLU A 112 16.08 -12.06 -5.24
N PRO A 113 16.17 -10.82 -4.74
CA PRO A 113 15.78 -9.65 -5.53
C PRO A 113 16.75 -9.37 -6.66
N GLN A 114 16.21 -9.28 -7.86
CA GLN A 114 16.93 -8.69 -8.97
C GLN A 114 16.84 -7.19 -8.79
N VAL A 115 17.89 -6.48 -9.16
CA VAL A 115 17.97 -5.05 -8.92
C VAL A 115 18.58 -4.35 -10.14
N TYR A 116 17.81 -3.50 -10.75
CA TYR A 116 18.29 -2.77 -11.91
C TYR A 116 18.18 -1.28 -11.62
N THR A 117 18.76 -0.49 -12.50
CA THR A 117 18.78 0.95 -12.36
C THR A 117 18.33 1.60 -13.67
N LEU A 118 17.46 2.59 -13.56
CA LEU A 118 16.84 3.12 -14.75
C LEU A 118 17.08 4.62 -14.85
N PRO A 119 17.72 5.10 -15.92
CA PRO A 119 17.99 6.53 -16.05
C PRO A 119 16.71 7.32 -16.30
N PRO A 120 16.77 8.64 -16.25
CA PRO A 120 15.60 9.45 -16.61
C PRO A 120 15.35 9.36 -18.08
N SER A 121 14.09 9.57 -18.48
CA SER A 121 13.83 9.62 -19.90
C SER A 121 14.07 11.03 -20.41
N ARG A 122 14.12 11.16 -21.73
CA ARG A 122 14.40 12.45 -22.34
C ARG A 122 13.33 13.48 -21.98
N ASP A 123 12.05 13.11 -22.13
CA ASP A 123 10.99 14.09 -21.93
C ASP A 123 11.11 14.76 -20.58
N GLU A 124 11.57 14.01 -19.57
CA GLU A 124 11.68 14.57 -18.23
C GLU A 124 12.88 15.51 -18.13
N LEU A 125 13.87 15.34 -19.01
CA LEU A 125 15.05 16.18 -18.97
C LEU A 125 14.64 17.50 -19.60
N THR A 126 13.84 18.28 -18.86
CA THR A 126 13.25 19.54 -19.36
C THR A 126 13.02 20.52 -18.21
N LYS A 127 13.19 20.06 -16.97
CA LYS A 127 12.98 20.90 -15.82
C LYS A 127 14.04 20.61 -14.76
N ASN A 128 13.88 21.28 -13.62
CA ASN A 128 14.99 21.45 -12.69
C ASN A 128 15.51 20.11 -12.19
N GLN A 129 14.61 19.22 -11.76
CA GLN A 129 14.98 17.87 -11.32
C GLN A 129 14.44 16.81 -12.26
N VAL A 130 15.12 15.67 -12.27
CA VAL A 130 14.71 14.46 -12.98
C VAL A 130 14.69 13.29 -12.01
N SER A 131 14.38 12.09 -12.52
CA SER A 131 14.05 10.93 -11.68
C SER A 131 14.88 9.72 -12.09
N LEU A 132 15.73 9.27 -11.16
CA LEU A 132 16.51 8.05 -11.29
C LEU A 132 15.73 6.92 -10.64
N THR A 133 15.52 5.84 -11.36
CA THR A 133 14.61 4.80 -10.91
C THR A 133 15.39 3.53 -10.60
N CYS A 134 15.15 2.99 -9.41
CA CYS A 134 15.70 1.70 -9.04
C CYS A 134 14.53 0.73 -8.99
N LEU A 135 14.60 -0.29 -9.83
CA LEU A 135 13.62 -1.36 -9.86
C LEU A 135 14.20 -2.55 -9.14
N VAL A 136 13.43 -3.09 -8.22
CA VAL A 136 13.77 -4.24 -7.42
C VAL A 136 12.60 -5.18 -7.61
N LYS A 137 12.85 -6.36 -8.14
CA LYS A 137 11.75 -7.27 -8.42
C LYS A 137 12.18 -8.71 -8.16
N GLY A 138 11.19 -9.59 -7.96
CA GLY A 138 11.43 -11.00 -7.84
C GLY A 138 11.89 -11.49 -6.48
N PHE A 139 11.63 -10.74 -5.42
CA PHE A 139 12.05 -11.09 -4.08
C PHE A 139 10.88 -11.59 -3.26
N TYR A 140 11.18 -12.52 -2.38
CA TYR A 140 10.21 -13.08 -1.43
C TYR A 140 11.02 -13.35 -0.19
N PRO A 141 10.54 -13.00 1.00
CA PRO A 141 9.28 -12.29 1.17
C PRO A 141 9.43 -10.78 1.07
N SER A 142 8.36 -10.06 1.43
CA SER A 142 8.27 -8.65 1.06
C SER A 142 9.11 -7.78 1.94
N ASP A 143 9.55 -8.31 3.09
CA ASP A 143 10.47 -7.62 3.99
C ASP A 143 11.70 -7.19 3.21
N ILE A 144 11.96 -5.89 3.11
CA ILE A 144 13.08 -5.36 2.31
C ILE A 144 13.31 -3.91 2.70
N ALA A 145 14.51 -3.42 2.42
CA ALA A 145 14.92 -2.05 2.71
C ALA A 145 15.66 -1.47 1.52
N VAL A 146 15.43 -0.17 1.24
CA VAL A 146 16.04 0.48 0.07
C VAL A 146 16.52 1.87 0.46
N GLU A 147 17.68 2.23 -0.07
CA GLU A 147 18.33 3.46 0.28
C GLU A 147 19.18 3.87 -0.89
N TRP A 148 19.43 5.15 -0.94
CA TRP A 148 20.17 5.74 -2.05
C TRP A 148 21.32 6.52 -1.50
N GLU A 149 22.40 6.50 -2.26
CA GLU A 149 23.51 7.35 -1.94
C GLU A 149 24.31 7.57 -3.20
N SER A 150 25.20 8.55 -3.14
CA SER A 150 26.09 8.86 -4.25
C SER A 150 27.22 9.69 -3.70
N ASN A 151 28.44 9.35 -4.09
CA ASN A 151 29.67 9.85 -3.47
C ASN A 151 29.80 9.39 -2.01
N GLY A 152 29.22 8.26 -1.64
CA GLY A 152 29.33 7.77 -0.30
C GLY A 152 28.28 8.31 0.66
N GLN A 153 27.81 9.53 0.43
CA GLN A 153 26.86 10.14 1.36
C GLN A 153 25.43 9.83 0.98
N PRO A 154 24.51 9.97 1.93
CA PRO A 154 23.12 9.57 1.69
C PRO A 154 22.38 10.61 0.84
N GLU A 155 21.77 10.14 -0.24
CA GLU A 155 20.79 10.93 -0.98
C GLU A 155 19.48 10.85 -0.23
N ASN A 156 18.79 11.96 -0.06
CA ASN A 156 17.61 11.81 0.78
C ASN A 156 16.29 12.04 0.10
N ASN A 157 16.29 12.82 -0.99
CA ASN A 157 15.07 13.08 -1.73
C ASN A 157 14.71 11.85 -2.55
N TYR A 158 14.07 10.91 -1.89
CA TYR A 158 13.69 9.69 -2.57
C TYR A 158 12.47 9.14 -1.85
N LYS A 159 11.69 8.39 -2.57
CA LYS A 159 10.52 7.74 -2.00
C LYS A 159 10.52 6.32 -2.53
N THR A 160 10.00 5.40 -1.75
CA THR A 160 10.00 4.01 -2.18
C THR A 160 8.58 3.50 -2.04
N THR A 161 8.04 2.97 -3.14
CA THR A 161 6.70 2.43 -3.10
C THR A 161 6.70 1.18 -2.23
N PRO A 162 5.56 0.83 -1.67
CA PRO A 162 5.47 -0.41 -0.94
C PRO A 162 5.69 -1.59 -1.88
N PRO A 163 6.07 -2.73 -1.35
CA PRO A 163 6.05 -3.95 -2.17
C PRO A 163 4.70 -4.17 -2.85
N VAL A 164 4.76 -4.69 -4.08
CA VAL A 164 3.61 -5.15 -4.83
C VAL A 164 3.76 -6.67 -5.15
N LEU A 165 2.68 -7.43 -4.97
CA LEU A 165 2.61 -8.82 -5.41
C LEU A 165 2.67 -8.93 -6.93
N ASP A 166 3.65 -9.66 -7.46
CA ASP A 166 3.74 -9.77 -8.91
C ASP A 166 2.97 -11.00 -9.37
N SER A 167 3.02 -11.32 -10.66
CA SER A 167 2.21 -12.40 -11.22
C SER A 167 2.71 -13.76 -10.80
N ASP A 168 4.03 -13.95 -10.71
CA ASP A 168 4.65 -15.18 -10.28
C ASP A 168 4.56 -15.40 -8.77
N GLY A 169 4.03 -14.44 -8.02
CA GLY A 169 3.90 -14.61 -6.59
C GLY A 169 5.03 -14.01 -5.76
N SER A 170 6.07 -13.48 -6.40
CA SER A 170 7.10 -12.74 -5.72
C SER A 170 6.69 -11.26 -5.65
N PHE A 171 7.60 -10.40 -5.15
CA PHE A 171 7.30 -8.97 -4.99
C PHE A 171 8.21 -8.11 -5.83
N PHE A 172 7.67 -6.97 -6.21
CA PHE A 172 8.52 -5.94 -6.77
C PHE A 172 8.23 -4.62 -6.07
N LEU A 173 9.15 -3.69 -6.25
CA LEU A 173 8.93 -2.29 -5.86
C LEU A 173 9.81 -1.39 -6.72
N TYR A 174 9.49 -0.09 -6.73
CA TYR A 174 10.45 0.90 -7.25
C TYR A 174 10.89 1.92 -6.20
N SER A 175 12.15 2.36 -6.28
CA SER A 175 12.67 3.55 -5.58
C SER A 175 12.89 4.70 -6.55
N LYS A 176 12.35 5.88 -6.23
CA LYS A 176 12.56 7.03 -7.11
C LYS A 176 13.33 8.11 -6.37
N LEU A 177 14.51 8.44 -6.87
CA LEU A 177 15.37 9.46 -6.26
C LEU A 177 15.39 10.68 -7.16
N THR A 178 15.12 11.82 -6.56
CA THR A 178 14.93 13.07 -7.29
C THR A 178 16.14 13.92 -7.02
N VAL A 179 16.80 14.36 -8.10
CA VAL A 179 18.04 15.13 -8.01
C VAL A 179 17.94 16.26 -9.03
N ASP A 180 18.78 17.27 -8.84
CA ASP A 180 18.81 18.36 -9.79
C ASP A 180 19.42 17.89 -11.10
N LYS A 181 18.89 18.43 -12.21
CA LYS A 181 19.32 17.96 -13.52
C LYS A 181 20.78 18.26 -13.73
N SER A 182 21.30 19.31 -13.09
CA SER A 182 22.72 19.58 -13.11
C SER A 182 23.50 18.31 -12.78
N ARG A 183 23.31 17.78 -11.57
CA ARG A 183 24.05 16.61 -11.15
C ARG A 183 23.88 15.47 -12.14
N TRP A 184 22.66 15.25 -12.66
CA TRP A 184 22.51 14.22 -13.68
C TRP A 184 23.35 14.56 -14.92
N GLN A 185 23.29 15.80 -15.40
CA GLN A 185 24.09 16.13 -16.58
C GLN A 185 25.58 16.23 -16.26
N GLN A 186 25.93 16.46 -15.00
CA GLN A 186 27.34 16.50 -14.62
C GLN A 186 28.06 15.17 -14.88
N GLY A 187 27.36 14.05 -14.68
CA GLY A 187 27.94 12.74 -14.79
C GLY A 187 28.21 12.03 -13.48
N ASN A 188 27.68 12.54 -12.36
CA ASN A 188 27.79 11.86 -11.08
C ASN A 188 27.04 10.55 -11.14
N VAL A 189 27.58 9.56 -10.43
CA VAL A 189 26.97 8.25 -10.31
C VAL A 189 26.25 8.20 -8.96
N PHE A 190 25.08 7.58 -8.94
CA PHE A 190 24.23 7.45 -7.77
C PHE A 190 23.99 5.97 -7.52
N SER A 191 23.77 5.60 -6.25
CA SER A 191 23.64 4.19 -5.90
C SER A 191 22.33 3.90 -5.21
N CYS A 192 21.70 2.84 -5.68
CA CYS A 192 20.53 2.25 -5.05
C CYS A 192 21.06 1.04 -4.31
N SER A 193 20.81 0.98 -3.01
CA SER A 193 21.30 -0.11 -2.18
C SER A 193 20.09 -0.81 -1.60
N VAL A 194 20.16 -2.13 -1.62
CA VAL A 194 19.03 -2.97 -1.27
C VAL A 194 19.53 -3.93 -0.21
N MET A 195 18.65 -4.22 0.74
CA MET A 195 18.94 -5.16 1.81
C MET A 195 17.78 -6.14 1.94
N HIS A 196 18.09 -7.44 1.86
CA HIS A 196 17.09 -8.50 1.82
C HIS A 196 17.74 -9.81 2.25
N GLU A 197 16.95 -10.69 2.85
CA GLU A 197 17.55 -11.88 3.47
C GLU A 197 18.11 -12.87 2.47
N ALA A 198 17.68 -12.86 1.20
CA ALA A 198 18.12 -13.85 0.22
C ALA A 198 19.32 -13.39 -0.57
N LEU A 199 19.91 -12.26 -0.18
CA LEU A 199 21.11 -11.70 -0.78
C LEU A 199 22.33 -12.13 0.01
N HIS A 200 23.40 -12.50 -0.67
CA HIS A 200 24.64 -12.79 0.00
C HIS A 200 25.11 -11.55 0.76
N ASN A 201 25.31 -11.69 2.08
CA ASN A 201 25.62 -10.60 2.99
C ASN A 201 24.44 -9.68 3.19
N HIS A 202 23.25 -10.05 2.70
CA HIS A 202 22.03 -9.31 2.93
C HIS A 202 22.10 -7.94 2.24
N TYR A 203 22.87 -7.86 1.16
CA TYR A 203 23.17 -6.55 0.63
C TYR A 203 23.56 -6.61 -0.84
N THR A 204 23.02 -5.70 -1.63
CA THR A 204 23.58 -5.43 -2.95
C THR A 204 23.46 -3.95 -3.24
N GLN A 205 24.17 -3.54 -4.26
CA GLN A 205 24.30 -2.13 -4.61
C GLN A 205 24.39 -2.01 -6.12
N LYS A 206 23.59 -1.16 -6.70
CA LYS A 206 23.69 -0.89 -8.13
C LYS A 206 23.59 0.60 -8.34
N SER A 207 24.40 1.10 -9.26
CA SER A 207 24.62 2.52 -9.50
C SER A 207 24.19 2.93 -10.90
N LEU A 208 24.38 4.21 -11.20
CA LEU A 208 23.78 4.82 -12.38
C LEU A 208 24.28 6.25 -12.56
N SER A 209 24.73 6.56 -13.77
CA SER A 209 25.18 7.90 -14.09
C SER A 209 25.02 8.16 -15.58
N LEU A 210 25.32 9.39 -15.98
CA LEU A 210 25.28 9.76 -17.39
C LEU A 210 26.09 8.85 -18.29
N GLY B 3 -20.49 -8.01 19.61
CA GLY B 3 -20.17 -7.28 18.38
C GLY B 3 -21.27 -6.33 17.97
N GLY B 4 -21.41 -6.14 16.65
CA GLY B 4 -22.45 -5.29 16.11
C GLY B 4 -22.27 -5.01 14.64
N PRO B 5 -23.10 -4.08 14.11
CA PRO B 5 -23.07 -3.80 12.68
C PRO B 5 -22.15 -2.65 12.27
N SER B 6 -20.90 -2.97 11.91
CA SER B 6 -20.00 -1.96 11.39
C SER B 6 -20.48 -1.48 10.02
N VAL B 7 -20.17 -0.21 9.70
CA VAL B 7 -20.58 0.40 8.42
C VAL B 7 -19.39 1.08 7.75
N PHE B 8 -19.22 0.80 6.44
CA PHE B 8 -18.10 1.31 5.64
C PHE B 8 -18.60 1.91 4.33
N LEU B 9 -18.03 3.04 3.97
CA LEU B 9 -18.36 3.76 2.77
C LEU B 9 -17.14 3.71 1.86
N PHE B 10 -17.37 3.57 0.56
CA PHE B 10 -16.30 3.51 -0.44
C PHE B 10 -16.62 4.41 -1.63
N PRO B 11 -15.60 4.96 -2.26
CA PRO B 11 -15.81 5.92 -3.33
C PRO B 11 -15.88 5.25 -4.70
N PRO B 12 -16.01 6.00 -5.79
CA PRO B 12 -16.09 5.38 -7.11
C PRO B 12 -14.72 4.93 -7.60
N LYS B 13 -14.71 4.16 -8.65
CA LYS B 13 -13.42 3.87 -9.25
C LYS B 13 -12.99 5.10 -10.04
N PRO B 14 -11.70 5.44 -10.04
CA PRO B 14 -11.25 6.64 -10.77
C PRO B 14 -11.61 6.66 -12.22
N LYS B 15 -11.48 5.52 -12.90
CA LYS B 15 -11.83 5.45 -14.30
C LYS B 15 -13.27 5.84 -14.48
N ASP B 16 -14.14 5.43 -13.54
CA ASP B 16 -15.58 5.57 -13.73
C ASP B 16 -15.96 7.03 -13.77
N THR B 17 -15.32 7.85 -12.95
CA THR B 17 -15.70 9.25 -12.86
C THR B 17 -15.12 10.10 -13.99
N LEU B 18 -14.17 9.55 -14.76
CA LEU B 18 -13.53 10.29 -15.83
C LEU B 18 -14.10 9.97 -17.19
N MET B 19 -14.91 8.93 -17.30
CA MET B 19 -15.41 8.41 -18.57
C MET B 19 -16.92 8.39 -18.53
N ILE B 20 -17.52 9.31 -19.28
CA ILE B 20 -18.98 9.45 -19.38
C ILE B 20 -19.61 8.14 -19.83
N SER B 21 -18.95 7.47 -20.78
CA SER B 21 -19.11 6.03 -21.02
C SER B 21 -19.51 5.28 -19.76
N ARG B 22 -18.62 5.29 -18.76
CA ARG B 22 -18.74 4.47 -17.53
C ARG B 22 -19.72 5.05 -16.53
N THR B 23 -20.10 4.23 -15.55
CA THR B 23 -21.03 4.58 -14.48
C THR B 23 -20.27 4.70 -13.17
N PRO B 24 -20.15 5.85 -12.50
CA PRO B 24 -19.52 5.87 -11.17
C PRO B 24 -20.54 5.72 -10.05
N GLU B 25 -20.21 4.92 -9.05
CA GLU B 25 -21.15 4.71 -7.97
C GLU B 25 -20.44 4.61 -6.63
N VAL B 26 -21.09 5.16 -5.61
CA VAL B 26 -20.66 5.09 -4.21
C VAL B 26 -21.32 3.88 -3.57
N THR B 27 -20.63 3.22 -2.63
CA THR B 27 -21.24 2.05 -2.02
C THR B 27 -21.13 2.07 -0.51
N CYS B 28 -22.22 1.72 0.15
CA CYS B 28 -22.30 1.67 1.60
C CYS B 28 -22.39 0.22 2.03
N VAL B 29 -21.33 -0.29 2.61
CA VAL B 29 -21.29 -1.67 3.08
C VAL B 29 -21.77 -1.70 4.54
N VAL B 30 -22.42 -2.79 4.95
CA VAL B 30 -22.81 -2.99 6.35
C VAL B 30 -22.36 -4.39 6.74
N VAL B 31 -21.26 -4.49 7.48
CA VAL B 31 -20.79 -5.82 7.84
C VAL B 31 -21.31 -6.22 9.22
N ASP B 32 -20.95 -7.43 9.65
CA ASP B 32 -21.39 -8.04 10.91
C ASP B 32 -22.78 -7.59 11.29
N VAL B 33 -23.79 -8.08 10.57
CA VAL B 33 -25.20 -7.65 10.81
C VAL B 33 -25.87 -8.60 11.81
N SER B 34 -26.60 -8.05 12.77
CA SER B 34 -27.28 -8.91 13.74
C SER B 34 -27.90 -10.12 13.00
N HIS B 35 -27.79 -11.29 13.61
CA HIS B 35 -28.40 -12.45 12.95
C HIS B 35 -29.77 -12.73 13.54
N GLU B 36 -30.20 -11.95 14.56
CA GLU B 36 -31.41 -12.14 15.38
C GLU B 36 -32.25 -10.86 15.50
N ASP B 37 -32.28 -10.14 14.35
CA ASP B 37 -32.96 -8.82 14.11
C ASP B 37 -32.77 -8.35 12.65
N PRO B 38 -31.73 -8.79 11.90
CA PRO B 38 -31.45 -8.41 10.51
C PRO B 38 -32.30 -7.51 9.61
N GLU B 39 -32.52 -6.26 10.03
CA GLU B 39 -33.28 -5.24 9.24
C GLU B 39 -32.35 -4.04 9.04
N VAL B 40 -32.46 -3.34 7.90
CA VAL B 40 -31.55 -2.22 7.67
C VAL B 40 -32.24 -1.20 6.76
N LYS B 41 -32.04 0.09 7.04
CA LYS B 41 -32.54 1.17 6.19
C LYS B 41 -31.36 1.96 5.65
N PHE B 42 -31.64 2.81 4.65
CA PHE B 42 -30.67 3.69 4.02
C PHE B 42 -31.38 4.84 3.32
N ASN B 43 -30.91 6.06 3.49
CA ASN B 43 -31.61 7.17 2.86
C ASN B 43 -30.79 7.86 1.81
N TRP B 44 -29.53 8.12 2.14
CA TRP B 44 -28.53 8.68 1.25
C TRP B 44 -28.76 10.15 0.93
N TYR B 45 -27.78 10.95 1.28
CA TYR B 45 -27.82 12.38 1.06
C TYR B 45 -26.59 12.86 0.29
N VAL B 46 -26.83 13.81 -0.60
CA VAL B 46 -25.83 14.48 -1.41
C VAL B 46 -25.86 15.94 -0.98
N ASP B 47 -24.80 16.41 -0.32
CA ASP B 47 -24.76 17.78 0.23
C ASP B 47 -25.97 18.02 1.13
N GLY B 48 -26.33 17.02 1.92
CA GLY B 48 -27.54 17.17 2.72
C GLY B 48 -28.87 16.71 2.13
N VAL B 49 -29.15 17.08 0.87
CA VAL B 49 -30.44 16.79 0.27
C VAL B 49 -30.54 15.29 -0.02
N GLU B 50 -31.54 14.64 0.56
CA GLU B 50 -31.85 13.28 0.20
C GLU B 50 -32.20 13.23 -1.29
N VAL B 51 -31.65 12.24 -1.99
CA VAL B 51 -31.85 12.06 -3.41
C VAL B 51 -32.29 10.64 -3.79
N HIS B 52 -32.27 9.76 -2.79
CA HIS B 52 -32.74 8.35 -2.89
C HIS B 52 -32.62 7.79 -4.31
N ASN B 53 -31.82 6.73 -4.43
CA ASN B 53 -31.60 5.96 -5.62
C ASN B 53 -30.89 4.70 -5.19
N ALA B 54 -30.70 4.52 -3.88
CA ALA B 54 -29.84 3.45 -3.37
C ALA B 54 -30.38 2.07 -3.71
N LYS B 55 -30.10 1.61 -4.92
CA LYS B 55 -30.47 0.25 -5.26
C LYS B 55 -29.74 -0.66 -4.28
N THR B 56 -30.27 -0.77 -3.06
CA THR B 56 -29.81 -1.72 -2.06
C THR B 56 -29.68 -3.10 -2.69
N LYS B 57 -28.47 -3.50 -3.11
CA LYS B 57 -28.23 -4.82 -3.67
C LYS B 57 -28.73 -5.84 -2.67
N PRO B 58 -29.94 -6.44 -2.92
CA PRO B 58 -30.63 -7.33 -1.96
C PRO B 58 -29.73 -8.07 -0.98
N ARG B 59 -29.94 -7.93 0.34
CA ARG B 59 -29.06 -8.59 1.34
C ARG B 59 -28.43 -9.90 0.82
N GLU B 60 -27.22 -10.22 1.30
CA GLU B 60 -26.46 -11.43 1.00
C GLU B 60 -25.84 -11.99 2.29
N GLU B 61 -25.24 -13.19 2.23
CA GLU B 61 -24.86 -13.91 3.46
C GLU B 61 -23.42 -14.40 3.42
N GLN B 62 -22.71 -14.27 4.55
CA GLN B 62 -21.30 -14.68 4.66
C GLN B 62 -21.12 -15.69 5.79
N TYR B 63 -20.04 -16.49 5.69
CA TYR B 63 -19.75 -17.58 6.65
C TYR B 63 -19.19 -17.07 7.96
N ASN B 64 -20.06 -16.90 8.96
CA ASN B 64 -19.72 -16.68 10.37
C ASN B 64 -20.89 -15.98 11.06
N SER B 65 -22.11 -16.53 10.94
CA SER B 65 -23.30 -16.01 11.63
C SER B 65 -23.74 -14.60 11.22
N THR B 66 -23.02 -14.03 10.24
CA THR B 66 -23.02 -12.60 9.91
C THR B 66 -23.55 -12.38 8.49
N TYR B 67 -24.48 -11.46 8.34
CA TYR B 67 -24.94 -11.07 7.01
C TYR B 67 -24.19 -9.82 6.53
N ARG B 68 -24.58 -9.31 5.36
CA ARG B 68 -23.91 -8.16 4.76
C ARG B 68 -24.77 -7.44 3.72
N VAL B 69 -25.63 -6.59 4.20
CA VAL B 69 -26.47 -5.78 3.32
C VAL B 69 -25.63 -4.66 2.74
N VAL B 70 -25.97 -4.21 1.53
CA VAL B 70 -25.12 -3.27 0.78
C VAL B 70 -26.02 -2.41 -0.09
N SER B 71 -25.88 -1.11 0.06
CA SER B 71 -26.57 -0.21 -0.85
C SER B 71 -25.58 0.44 -1.79
N VAL B 72 -26.05 0.76 -2.99
CA VAL B 72 -25.21 1.46 -3.95
C VAL B 72 -26.02 2.55 -4.61
N LEU B 73 -25.45 3.74 -4.67
CA LEU B 73 -26.13 4.86 -5.25
C LEU B 73 -25.28 5.39 -6.39
N THR B 74 -25.91 5.51 -7.54
CA THR B 74 -25.34 6.20 -8.69
C THR B 74 -24.96 7.62 -8.33
N VAL B 75 -23.87 8.12 -8.90
CA VAL B 75 -23.60 9.54 -8.76
C VAL B 75 -23.17 10.16 -10.09
N LEU B 76 -23.55 11.42 -10.25
CA LEU B 76 -23.20 12.19 -11.42
C LEU B 76 -21.70 12.31 -11.51
N HIS B 77 -21.20 12.33 -12.74
CA HIS B 77 -19.75 12.39 -12.92
C HIS B 77 -19.18 13.70 -12.40
N GLN B 78 -19.67 14.83 -12.92
CA GLN B 78 -19.19 16.14 -12.50
C GLN B 78 -19.46 16.43 -11.03
N ASP B 79 -20.46 15.80 -10.39
CA ASP B 79 -20.75 16.15 -9.00
C ASP B 79 -19.60 15.74 -8.11
N TRP B 80 -19.16 14.48 -8.27
CA TRP B 80 -18.03 13.93 -7.52
C TRP B 80 -16.76 14.71 -7.74
N LEU B 81 -16.52 15.18 -8.97
CA LEU B 81 -15.32 15.95 -9.27
C LEU B 81 -15.45 17.39 -8.80
N ASN B 82 -16.65 17.79 -8.38
CA ASN B 82 -16.90 19.09 -7.78
C ASN B 82 -16.97 18.99 -6.27
N GLY B 83 -16.46 17.90 -5.73
CA GLY B 83 -16.29 17.72 -4.31
C GLY B 83 -17.56 17.74 -3.50
N LYS B 84 -18.63 17.14 -3.98
CA LYS B 84 -19.79 17.12 -3.11
C LYS B 84 -19.72 15.91 -2.20
N GLU B 85 -20.40 15.96 -1.07
CA GLU B 85 -20.26 14.91 -0.07
C GLU B 85 -21.46 13.98 -0.06
N TYR B 86 -21.16 12.70 -0.18
CA TYR B 86 -22.14 11.63 -0.21
C TYR B 86 -22.18 11.03 1.18
N LYS B 87 -23.33 11.14 1.84
CA LYS B 87 -23.52 10.66 3.21
C LYS B 87 -24.48 9.49 3.24
N CYS B 88 -24.02 8.38 3.80
CA CYS B 88 -24.84 7.20 3.97
C CYS B 88 -25.26 7.18 5.44
N LYS B 89 -26.57 7.29 5.67
CA LYS B 89 -27.15 7.22 7.02
C LYS B 89 -27.85 5.87 7.13
N VAL B 90 -27.15 4.88 7.68
CA VAL B 90 -27.74 3.54 7.75
C VAL B 90 -28.71 3.52 8.92
N SER B 91 -29.97 3.85 8.63
CA SER B 91 -31.03 3.75 9.62
C SER B 91 -31.26 2.29 9.98
N ASN B 92 -30.66 1.79 11.05
CA ASN B 92 -30.93 0.44 11.51
C ASN B 92 -31.69 0.50 12.83
N LYS B 93 -32.77 -0.28 12.95
CA LYS B 93 -33.54 -0.21 14.19
C LYS B 93 -32.85 -0.99 15.32
N ALA B 94 -32.00 -1.96 15.01
CA ALA B 94 -31.21 -2.64 16.04
C ALA B 94 -29.89 -1.93 16.33
N LEU B 95 -29.70 -0.72 15.80
CA LEU B 95 -28.58 0.16 16.10
C LEU B 95 -28.86 0.93 17.40
N PRO B 96 -27.87 1.03 18.29
CA PRO B 96 -28.04 1.95 19.44
C PRO B 96 -28.46 3.33 18.98
N ALA B 97 -27.90 3.78 17.85
CA ALA B 97 -28.22 5.06 17.24
C ALA B 97 -27.84 4.98 15.78
N PRO B 98 -28.53 5.70 14.92
CA PRO B 98 -28.24 5.66 13.49
C PRO B 98 -26.81 6.06 13.13
N ILE B 99 -26.02 5.08 12.67
CA ILE B 99 -24.61 5.33 12.25
C ILE B 99 -24.65 6.18 10.97
N GLU B 100 -23.82 7.21 10.90
CA GLU B 100 -23.76 8.12 9.76
C GLU B 100 -22.31 8.21 9.32
N LYS B 101 -22.10 8.29 8.02
CA LYS B 101 -20.75 8.33 7.46
C LYS B 101 -20.76 9.12 6.17
N THR B 102 -19.65 9.82 5.92
CA THR B 102 -19.54 10.70 4.77
C THR B 102 -18.23 10.44 4.02
N ILE B 103 -18.25 10.78 2.72
CA ILE B 103 -17.12 10.60 1.81
C ILE B 103 -17.23 11.66 0.73
N SER B 104 -16.07 12.11 0.23
CA SER B 104 -15.96 13.12 -0.82
C SER B 104 -14.61 12.96 -1.48
N LYS B 105 -14.47 13.51 -2.67
CA LYS B 105 -13.18 13.48 -3.34
C LYS B 105 -12.20 14.32 -2.55
N ALA B 106 -10.91 13.99 -2.66
CA ALA B 106 -9.90 14.79 -1.97
C ALA B 106 -9.96 16.26 -2.36
N LYS B 107 -9.83 17.13 -1.37
CA LYS B 107 -9.79 18.58 -1.57
C LYS B 107 -8.43 19.03 -2.08
N GLY B 108 -8.42 20.05 -2.90
CA GLY B 108 -7.13 20.49 -3.42
C GLY B 108 -7.13 20.75 -4.92
N GLN B 109 -6.11 21.45 -5.35
CA GLN B 109 -6.02 21.91 -6.72
C GLN B 109 -5.47 20.78 -7.58
N PRO B 110 -6.20 20.33 -8.60
CA PRO B 110 -5.72 19.15 -9.35
C PRO B 110 -4.45 19.45 -10.11
N ARG B 111 -3.56 18.47 -10.17
CA ARG B 111 -2.24 18.60 -10.80
C ARG B 111 -2.10 17.63 -11.94
N GLU B 112 -1.46 18.04 -12.96
CA GLU B 112 -1.47 17.17 -14.11
C GLU B 112 -0.34 16.15 -14.03
N PRO B 113 -0.61 14.88 -14.28
CA PRO B 113 0.46 13.89 -14.22
C PRO B 113 1.41 14.05 -15.37
N GLN B 114 2.70 13.86 -15.10
CA GLN B 114 3.67 13.73 -16.18
C GLN B 114 3.93 12.25 -16.38
N VAL B 115 4.10 11.84 -17.62
CA VAL B 115 4.13 10.43 -17.94
C VAL B 115 5.42 10.13 -18.69
N TYR B 116 6.25 9.28 -18.11
CA TYR B 116 7.53 8.94 -18.71
C TYR B 116 7.63 7.44 -18.90
N THR B 117 8.28 7.07 -19.99
CA THR B 117 8.43 5.70 -20.41
C THR B 117 9.89 5.36 -20.22
N LEU B 118 10.17 4.37 -19.38
CA LEU B 118 11.55 3.96 -19.22
C LEU B 118 11.71 2.54 -19.72
N PRO B 119 12.73 2.27 -20.52
CA PRO B 119 12.89 0.96 -21.11
C PRO B 119 13.66 0.06 -20.17
N PRO B 120 13.76 -1.23 -20.47
CA PRO B 120 14.48 -2.14 -19.58
C PRO B 120 15.93 -1.74 -19.50
N SER B 121 16.59 -2.23 -18.45
CA SER B 121 18.03 -2.15 -18.30
C SER B 121 18.70 -3.24 -19.12
N ARG B 122 19.97 -3.06 -19.45
CA ARG B 122 20.62 -4.14 -20.18
C ARG B 122 20.94 -5.29 -19.23
N ASP B 123 21.18 -5.01 -17.95
CA ASP B 123 21.30 -6.08 -16.96
C ASP B 123 20.12 -7.04 -17.11
N GLU B 124 18.93 -6.49 -17.28
CA GLU B 124 17.69 -7.25 -17.38
C GLU B 124 17.57 -8.05 -18.66
N LEU B 125 18.30 -7.68 -19.71
CA LEU B 125 18.06 -8.26 -21.02
C LEU B 125 18.50 -9.71 -21.10
N THR B 126 19.21 -10.21 -20.09
CA THR B 126 19.65 -11.61 -20.07
C THR B 126 18.47 -12.56 -19.97
N LYS B 127 17.43 -12.16 -19.24
CA LYS B 127 16.40 -13.11 -18.86
C LYS B 127 15.39 -13.31 -19.99
N ASN B 128 14.51 -14.28 -19.78
CA ASN B 128 13.51 -14.63 -20.80
C ASN B 128 12.42 -13.57 -20.96
N GLN B 129 12.25 -12.69 -19.98
CA GLN B 129 11.26 -11.63 -20.00
C GLN B 129 11.91 -10.39 -19.43
N VAL B 130 11.59 -9.24 -20.01
CA VAL B 130 12.07 -8.00 -19.44
C VAL B 130 10.91 -7.10 -19.05
N SER B 131 11.22 -5.92 -18.48
CA SER B 131 10.25 -5.06 -17.83
C SER B 131 10.26 -3.67 -18.46
N LEU B 132 9.09 -3.20 -18.91
CA LEU B 132 8.93 -1.84 -19.39
C LEU B 132 8.26 -1.00 -18.30
N THR B 133 8.83 0.15 -18.02
CA THR B 133 8.43 0.97 -16.88
C THR B 133 7.73 2.24 -17.33
N CYS B 134 6.53 2.47 -16.78
CA CYS B 134 5.79 3.71 -16.98
C CYS B 134 5.83 4.45 -15.65
N LEU B 135 6.61 5.53 -15.60
CA LEU B 135 6.64 6.43 -14.47
C LEU B 135 5.53 7.46 -14.64
N VAL B 136 4.72 7.60 -13.60
CA VAL B 136 3.64 8.58 -13.61
C VAL B 136 3.79 9.37 -12.33
N LYS B 137 4.11 10.67 -12.46
CA LYS B 137 4.39 11.47 -11.28
C LYS B 137 3.81 12.88 -11.41
N GLY B 138 3.57 13.50 -10.27
CA GLY B 138 3.23 14.89 -10.14
C GLY B 138 1.74 15.15 -10.10
N PHE B 139 0.95 14.14 -9.85
CA PHE B 139 -0.47 14.27 -10.01
C PHE B 139 -1.08 14.43 -8.65
N TYR B 140 -2.23 15.12 -8.60
CA TYR B 140 -3.02 15.36 -7.42
C TYR B 140 -4.42 15.53 -7.94
N PRO B 141 -5.44 14.95 -7.31
CA PRO B 141 -5.31 14.00 -6.20
C PRO B 141 -4.89 12.59 -6.68
N SER B 142 -4.89 11.64 -5.75
CA SER B 142 -4.27 10.37 -6.08
C SER B 142 -5.14 9.49 -6.94
N ASP B 143 -6.44 9.83 -7.10
CA ASP B 143 -7.37 9.10 -7.98
C ASP B 143 -6.83 9.01 -9.39
N ILE B 144 -6.45 7.82 -9.87
CA ILE B 144 -5.80 7.69 -11.17
C ILE B 144 -5.97 6.28 -11.69
N ALA B 145 -5.72 6.12 -12.97
CA ALA B 145 -5.92 4.85 -13.65
C ALA B 145 -4.83 4.70 -14.70
N VAL B 146 -4.20 3.52 -14.75
CA VAL B 146 -3.10 3.23 -15.68
C VAL B 146 -3.42 1.96 -16.45
N GLU B 147 -3.03 1.94 -17.71
CA GLU B 147 -3.31 0.80 -18.57
C GLU B 147 -2.17 0.67 -19.54
N TRP B 148 -2.03 -0.54 -20.06
CA TRP B 148 -1.07 -0.84 -21.10
C TRP B 148 -1.78 -1.49 -22.29
N GLU B 149 -1.31 -1.16 -23.48
CA GLU B 149 -1.88 -1.77 -24.65
C GLU B 149 -0.83 -1.73 -25.76
N SER B 150 -0.94 -2.67 -26.71
CA SER B 150 -0.04 -2.78 -27.85
C SER B 150 -0.81 -2.73 -29.16
N ASN B 151 -0.30 -1.92 -30.10
CA ASN B 151 -0.88 -1.70 -31.42
C ASN B 151 -2.40 -1.65 -31.35
N GLY B 152 -2.89 -0.84 -30.41
CA GLY B 152 -4.31 -0.68 -30.18
C GLY B 152 -5.00 -1.84 -29.51
N GLN B 153 -4.26 -2.85 -29.03
CA GLN B 153 -4.92 -3.99 -28.36
C GLN B 153 -4.38 -4.19 -26.94
N PRO B 154 -5.24 -4.54 -25.99
CA PRO B 154 -4.84 -4.52 -24.56
C PRO B 154 -3.75 -5.51 -24.21
N GLU B 155 -2.69 -5.00 -23.60
CA GLU B 155 -1.67 -5.80 -22.95
C GLU B 155 -2.06 -5.99 -21.52
N ASN B 156 -1.86 -7.17 -20.98
CA ASN B 156 -2.47 -7.38 -19.69
C ASN B 156 -1.56 -7.89 -18.58
N ASN B 157 -0.32 -8.28 -18.89
CA ASN B 157 0.60 -8.78 -17.88
C ASN B 157 1.42 -7.61 -17.32
N TYR B 158 0.76 -6.87 -16.44
CA TYR B 158 1.34 -5.68 -15.90
C TYR B 158 0.77 -5.49 -14.50
N LYS B 159 1.60 -4.88 -13.66
CA LYS B 159 1.24 -4.54 -12.29
C LYS B 159 1.52 -3.07 -12.08
N THR B 160 0.68 -2.45 -11.26
CA THR B 160 0.83 -1.04 -10.95
C THR B 160 0.92 -0.87 -9.44
N THR B 161 1.92 -0.15 -9.00
CA THR B 161 2.03 0.15 -7.59
C THR B 161 0.96 1.16 -7.19
N PRO B 162 0.57 1.18 -5.92
CA PRO B 162 -0.34 2.21 -5.43
C PRO B 162 0.25 3.59 -5.61
N PRO B 163 -0.56 4.63 -5.42
CA PRO B 163 -0.01 6.00 -5.41
C PRO B 163 0.78 6.22 -4.14
N VAL B 164 1.84 7.01 -4.26
CA VAL B 164 2.68 7.37 -3.13
C VAL B 164 2.80 8.90 -3.11
N LEU B 165 2.64 9.47 -1.89
CA LEU B 165 2.86 10.88 -1.59
C LEU B 165 4.34 11.21 -1.73
N ASP B 166 4.63 12.16 -2.63
CA ASP B 166 5.97 12.63 -2.90
C ASP B 166 6.34 13.84 -2.00
N SER B 167 7.53 14.37 -2.20
CA SER B 167 7.96 15.40 -1.25
C SER B 167 7.20 16.71 -1.43
N ASP B 168 6.79 17.06 -2.67
CA ASP B 168 6.10 18.31 -2.93
C ASP B 168 4.61 18.24 -2.64
N GLY B 169 4.11 17.13 -2.09
CA GLY B 169 2.71 17.00 -1.78
C GLY B 169 1.86 16.49 -2.91
N SER B 170 2.49 16.13 -4.03
CA SER B 170 1.81 15.47 -5.14
C SER B 170 2.00 13.98 -4.97
N PHE B 171 1.49 13.21 -5.93
CA PHE B 171 1.54 11.75 -5.91
C PHE B 171 2.33 11.26 -7.10
N PHE B 172 2.82 10.03 -6.98
CA PHE B 172 3.45 9.37 -8.10
C PHE B 172 3.15 7.89 -7.96
N LEU B 173 3.48 7.13 -9.01
CA LEU B 173 3.43 5.69 -8.97
C LEU B 173 4.28 5.22 -10.12
N TYR B 174 4.30 3.91 -10.31
CA TYR B 174 4.99 3.26 -11.42
C TYR B 174 4.14 2.10 -11.87
N SER B 175 4.17 1.78 -13.14
CA SER B 175 3.54 0.58 -13.68
C SER B 175 4.56 -0.21 -14.49
N LYS B 176 4.58 -1.51 -14.23
CA LYS B 176 5.52 -2.46 -14.81
C LYS B 176 4.75 -3.41 -15.70
N LEU B 177 5.07 -3.41 -17.00
CA LEU B 177 4.58 -4.38 -17.98
C LEU B 177 5.67 -5.39 -18.31
N THR B 178 5.32 -6.67 -18.29
CA THR B 178 6.27 -7.76 -18.49
C THR B 178 5.95 -8.46 -19.80
N VAL B 179 6.91 -8.46 -20.74
CA VAL B 179 6.76 -9.08 -22.06
C VAL B 179 7.97 -9.96 -22.34
N ASP B 180 7.79 -10.96 -23.21
CA ASP B 180 8.91 -11.85 -23.51
C ASP B 180 9.86 -11.12 -24.42
N LYS B 181 11.16 -11.23 -24.11
CA LYS B 181 12.15 -10.38 -24.74
C LYS B 181 12.04 -10.40 -26.25
N SER B 182 11.72 -11.58 -26.82
CA SER B 182 11.29 -11.72 -28.22
C SER B 182 10.52 -10.48 -28.69
N ARG B 183 9.35 -10.22 -28.10
CA ARG B 183 8.48 -9.15 -28.57
C ARG B 183 9.14 -7.78 -28.47
N TRP B 184 9.87 -7.52 -27.38
CA TRP B 184 10.55 -6.24 -27.27
C TRP B 184 11.69 -6.16 -28.28
N GLN B 185 12.42 -7.26 -28.47
CA GLN B 185 13.63 -7.24 -29.28
C GLN B 185 13.34 -7.02 -30.75
N GLN B 186 12.22 -7.57 -31.25
CA GLN B 186 11.80 -7.31 -32.62
C GLN B 186 11.75 -5.80 -32.81
N GLY B 187 10.69 -5.16 -32.33
CA GLY B 187 10.63 -3.71 -32.41
C GLY B 187 9.27 -3.13 -32.10
N ASN B 188 8.40 -3.93 -31.49
CA ASN B 188 7.03 -3.48 -31.25
C ASN B 188 7.00 -2.23 -30.39
N VAL B 189 5.86 -1.54 -30.47
CA VAL B 189 5.53 -0.39 -29.64
C VAL B 189 4.53 -0.86 -28.59
N PHE B 190 4.81 -0.50 -27.33
CA PHE B 190 3.91 -0.66 -26.21
C PHE B 190 3.61 0.74 -25.69
N SER B 191 2.37 0.99 -25.33
CA SER B 191 1.98 2.33 -24.91
C SER B 191 1.24 2.22 -23.61
N CYS B 192 1.51 3.20 -22.77
CA CYS B 192 1.00 3.29 -21.42
C CYS B 192 0.02 4.43 -21.43
N SER B 193 -1.23 4.15 -21.07
CA SER B 193 -2.21 5.21 -21.14
C SER B 193 -2.65 5.49 -19.74
N VAL B 194 -2.73 6.77 -19.43
CA VAL B 194 -3.03 7.26 -18.10
C VAL B 194 -4.29 8.10 -18.20
N MET B 195 -5.17 7.93 -17.25
CA MET B 195 -6.37 8.73 -17.15
C MET B 195 -6.34 9.45 -15.82
N HIS B 196 -6.51 10.77 -15.87
CA HIS B 196 -6.51 11.58 -14.66
C HIS B 196 -7.30 12.85 -14.90
N GLU B 197 -7.97 13.32 -13.87
CA GLU B 197 -8.89 14.48 -13.95
C GLU B 197 -8.26 15.76 -14.47
N ALA B 198 -6.96 15.93 -14.35
CA ALA B 198 -6.31 17.14 -14.82
C ALA B 198 -5.69 16.95 -16.18
N LEU B 199 -6.11 15.93 -16.91
CA LEU B 199 -5.58 15.71 -18.24
C LEU B 199 -6.54 16.28 -19.29
N HIS B 200 -5.99 16.73 -20.40
CA HIS B 200 -6.92 17.15 -21.44
C HIS B 200 -7.72 15.94 -21.87
N ASN B 201 -9.03 15.98 -21.68
CA ASN B 201 -9.92 14.86 -21.97
C ASN B 201 -9.64 13.69 -21.03
N HIS B 202 -8.99 13.93 -19.89
CA HIS B 202 -8.81 12.94 -18.84
C HIS B 202 -7.96 11.75 -19.32
N TYR B 203 -7.13 11.98 -20.34
CA TYR B 203 -6.45 10.86 -20.95
C TYR B 203 -5.21 11.33 -21.67
N THR B 204 -4.11 10.63 -21.42
CA THR B 204 -2.89 10.77 -22.18
C THR B 204 -2.32 9.39 -22.44
N GLN B 205 -1.31 9.35 -23.29
CA GLN B 205 -0.71 8.07 -23.59
C GLN B 205 0.68 8.35 -24.09
N LYS B 206 1.66 7.65 -23.54
CA LYS B 206 3.02 7.71 -24.00
C LYS B 206 3.41 6.32 -24.45
N SER B 207 4.23 6.26 -25.47
CA SER B 207 4.53 5.02 -26.15
C SER B 207 6.01 4.67 -26.01
N LEU B 208 6.27 3.37 -26.01
CA LEU B 208 7.60 2.83 -25.79
C LEU B 208 7.89 1.74 -26.81
N SER B 209 9.12 1.70 -27.31
CA SER B 209 9.49 0.68 -28.29
C SER B 209 11.02 0.57 -28.40
N LEU B 210 11.48 -0.58 -28.90
CA LEU B 210 12.92 -0.77 -29.02
C LEU B 210 13.53 0.31 -29.91
C1 NAG C . -7.33 5.71 23.81
C2 NAG C . -8.04 5.13 22.57
C3 NAG C . -7.15 4.12 21.87
C4 NAG C . -5.80 4.74 21.51
C5 NAG C . -5.13 5.38 22.73
C6 NAG C . -3.87 6.14 22.38
C7 NAG C . -10.49 5.10 22.72
C8 NAG C . -11.70 4.38 23.26
N2 NAG C . -9.31 4.53 22.96
O3 NAG C . -7.80 3.61 20.71
O4 NAG C . -4.88 3.73 21.08
O5 NAG C . -6.01 6.29 23.42
O6 NAG C . -4.03 7.08 21.33
O7 NAG C . -10.59 6.14 22.07
C1 NAG C . -5.00 3.38 19.67
C2 NAG C . -3.61 2.93 19.22
C3 NAG C . -3.64 2.55 17.75
C4 NAG C . -4.72 1.50 17.48
C5 NAG C . -6.06 1.98 18.04
C6 NAG C . -7.13 0.90 17.98
C7 NAG C . -1.54 3.82 20.20
C8 NAG C . -0.66 5.02 20.35
N2 NAG C . -2.64 3.99 19.46
O3 NAG C . -2.35 2.05 17.39
O4 NAG C . -4.87 1.34 16.08
O5 NAG C . -5.93 2.34 19.42
O6 NAG C . -8.43 1.45 18.17
O7 NAG C . -1.26 2.74 20.72
C1 BMA C . -4.06 0.34 15.44
C2 BMA C . -4.91 -0.24 14.32
C3 BMA C . -4.07 -1.25 13.50
C4 BMA C . -2.70 -0.67 13.10
C5 BMA C . -1.99 -0.05 14.27
C6 BMA C . -0.79 0.71 13.78
O2 BMA C . -5.27 0.77 13.40
O3 BMA C . -4.80 -1.73 12.32
O4 BMA C . -1.87 -1.71 12.55
O5 BMA C . -2.86 0.89 14.93
O6 BMA C . -0.31 1.52 14.83
C1 MAN C . 1.08 1.80 14.58
C2 MAN C . 1.76 2.07 15.92
C3 MAN C . 1.06 3.23 16.62
C4 MAN C . 1.07 4.45 15.69
C5 MAN C . 0.48 4.08 14.27
C6 MAN C . 0.58 5.16 13.21
O2 MAN C . 3.04 2.55 15.67
O3 MAN C . 1.62 3.56 17.90
O4 MAN C . 0.31 5.48 16.30
O5 MAN C . 1.16 2.91 13.74
O6 MAN C . -0.36 4.84 12.20
C1 NAG C . 3.93 1.43 15.63
C2 NAG C . 5.20 1.83 14.85
C3 NAG C . 6.18 0.66 14.83
C4 NAG C . 6.45 0.14 16.25
C5 NAG C . 5.16 -0.05 17.05
C6 NAG C . 5.38 -0.27 18.54
C7 NAG C . 4.87 3.53 13.12
C8 NAG C . 4.51 3.79 11.69
N2 NAG C . 4.88 2.25 13.50
O3 NAG C . 7.40 1.13 14.25
O4 NAG C . 7.07 -1.14 16.10
O5 NAG C . 4.28 1.08 16.94
O6 NAG C . 6.02 0.82 19.19
O7 NAG C . 5.15 4.44 13.90
C1 GAL C . 8.38 -1.15 16.70
C2 GAL C . 9.05 -2.44 16.20
C3 GAL C . 10.51 -2.55 16.65
C4 GAL C . 11.27 -1.22 16.46
C5 GAL C . 10.44 -0.05 16.98
C6 GAL C . 11.12 1.27 16.72
O2 GAL C . 8.36 -3.57 16.68
O3 GAL C . 11.20 -3.54 15.91
O4 GAL C . 11.60 -1.01 15.07
O5 GAL C . 9.17 -0.04 16.31
O6 GAL C . 12.16 1.11 15.74
C1 MAN C . -5.03 -3.14 12.41
C2 MAN C . -5.18 -3.58 10.98
C3 MAN C . -6.35 -2.86 10.40
C4 MAN C . -7.59 -3.14 11.21
C5 MAN C . -7.33 -2.70 12.66
C6 MAN C . -8.43 -3.03 13.62
O2 MAN C . -5.57 -4.90 10.95
O3 MAN C . -6.57 -3.19 9.06
O4 MAN C . -8.63 -2.37 10.66
O5 MAN C . -6.19 -3.38 13.14
O6 MAN C . -8.34 -2.14 14.75
C1 NAG C . -4.41 -5.75 10.88
C2 NAG C . -4.90 -7.21 10.94
C3 NAG C . -3.75 -8.20 10.79
C4 NAG C . -2.90 -7.88 9.57
C5 NAG C . -2.49 -6.39 9.55
C6 NAG C . -1.82 -5.94 8.27
C7 NAG C . -6.94 -7.35 12.31
C8 NAG C . -7.70 -7.10 11.04
N2 NAG C . -5.61 -7.44 12.20
O3 NAG C . -4.30 -9.51 10.69
O4 NAG C . -1.72 -8.66 9.59
O5 NAG C . -3.66 -5.56 9.70
O6 NAG C . -2.76 -5.43 7.33
O7 NAG C . -7.51 -7.51 13.38
C1 NAG D . -17.50 -12.36 9.31
C2 NAG D . -16.63 -11.23 9.96
C3 NAG D . -16.73 -9.89 9.17
C4 NAG D . -16.48 -10.09 7.68
C5 NAG D . -17.46 -11.16 7.20
C6 NAG D . -17.41 -11.40 5.71
C7 NAG D . -16.55 -11.69 12.39
C8 NAG D . -17.17 -11.39 13.71
N2 NAG D . -17.07 -11.03 11.33
O3 NAG D . -15.77 -9.00 9.70
O4 NAG D . -16.68 -8.88 6.94
O5 NAG D . -17.21 -12.42 7.85
O6 NAG D . -16.08 -11.70 5.31
O7 NAG D . -15.61 -12.52 12.29
C1 NAG D . -15.67 -7.80 6.90
C2 NAG D . -15.97 -6.90 5.70
C3 NAG D . -14.86 -5.85 5.54
C4 NAG D . -14.50 -5.17 6.87
C5 NAG D . -14.62 -6.03 8.14
C6 NAG D . -14.87 -5.19 9.37
C7 NAG D . -16.95 -7.26 3.47
C8 NAG D . -17.02 -8.17 2.28
N2 NAG D . -16.14 -7.66 4.47
O3 NAG D . -15.28 -4.85 4.62
O4 NAG D . -13.18 -4.64 6.80
O5 NAG D . -15.69 -7.00 8.09
O6 NAG D . -14.02 -5.57 10.45
O7 NAG D . -17.60 -6.22 3.52
C1 BMA D . -13.07 -3.28 6.28
C2 BMA D . -12.16 -2.45 7.19
C3 BMA D . -11.94 -1.06 6.60
C4 BMA D . -11.66 -1.04 5.10
C5 BMA D . -12.54 -1.99 4.34
C6 BMA D . -11.99 -2.19 2.96
O2 BMA D . -10.85 -3.05 7.24
O3 BMA D . -10.82 -0.48 7.22
O4 BMA D . -11.89 0.27 4.59
O5 BMA D . -12.53 -3.26 4.97
O6 BMA D . -12.66 -3.28 2.44
C1 MAN D . -12.47 -3.37 1.03
C2 MAN D . -13.81 -3.86 0.54
C3 MAN D . -14.08 -5.31 1.11
C4 MAN D . -12.83 -6.22 0.99
C5 MAN D . -11.65 -5.50 1.57
C6 MAN D . -10.36 -6.31 1.53
O2 MAN D . -13.86 -3.92 -0.88
O3 MAN D . -15.23 -5.92 0.53
O4 MAN D . -13.03 -7.37 1.74
O5 MAN D . -11.45 -4.27 0.83
O6 MAN D . -9.58 -5.84 0.43
C1 NAG D . -14.48 -2.75 -1.44
C2 NAG D . -13.78 -2.48 -2.76
C3 NAG D . -14.41 -1.29 -3.48
C4 NAG D . -15.92 -1.43 -3.57
C5 NAG D . -16.55 -1.82 -2.24
C6 NAG D . -18.01 -2.20 -2.37
C7 NAG D . -11.45 -3.25 -2.70
C8 NAG D . -10.03 -2.87 -2.41
N2 NAG D . -12.36 -2.28 -2.55
O3 NAG D . -13.87 -1.19 -4.79
O4 NAG D . -16.48 -0.17 -3.95
O5 NAG D . -15.87 -2.94 -1.65
O6 NAG D . -18.19 -3.47 -3.01
O7 NAG D . -11.76 -4.39 -3.05
C1 GAL D . -17.11 -0.31 -5.22
C2 GAL D . -17.06 1.02 -5.97
C3 GAL D . -17.69 0.84 -7.37
C4 GAL D . -16.95 -0.31 -8.07
C5 GAL D . -17.02 -1.56 -7.20
C6 GAL D . -16.23 -2.75 -7.72
O2 GAL D . -17.73 2.06 -5.25
O3 GAL D . -17.61 2.04 -8.19
O4 GAL D . -15.63 0.03 -8.17
O5 GAL D . -16.42 -1.29 -5.94
O6 GAL D . -15.65 -3.54 -6.68
C1 MAN D . -11.16 0.85 7.65
C2 MAN D . -9.85 1.67 7.80
C3 MAN D . -8.96 1.01 8.84
C4 MAN D . -9.74 0.89 10.14
C5 MAN D . -11.03 0.08 9.86
C6 MAN D . -11.89 -0.11 11.07
O2 MAN D . -10.14 2.93 8.39
O3 MAN D . -7.77 1.74 9.08
O4 MAN D . -8.93 0.24 11.11
O5 MAN D . -11.82 0.76 8.86
O6 MAN D . -11.13 -0.94 11.92
C1 NAG D . -10.24 3.98 7.43
C2 NAG D . -10.75 5.18 8.21
C3 NAG D . -10.95 6.37 7.28
C4 NAG D . -9.66 6.68 6.54
C5 NAG D . -9.09 5.44 5.85
C6 NAG D . -7.71 5.67 5.27
C7 NAG D . -12.04 4.53 10.20
C8 NAG D . -10.75 4.57 10.95
N2 NAG D . -11.99 4.84 8.90
O3 NAG D . -11.38 7.49 8.04
O4 NAG D . -9.89 7.69 5.57
O5 NAG D . -9.00 4.33 6.77
O6 NAG D . -6.72 5.83 6.27
O7 NAG D . -13.10 4.22 10.74
#